data_8OEO
#
_entry.id   8OEO
#
_cell.length_a   95.770
_cell.length_b   63.520
_cell.length_c   87.370
_cell.angle_alpha   90.00
_cell.angle_beta   90.00
_cell.angle_gamma   90.00
#
_symmetry.space_group_name_H-M   'P 21 21 2'
#
loop_
_entity.id
_entity.type
_entity.pdbx_description
1 polymer 'Ferulic acid decarboxylase 1'
2 non-polymer '1-deoxy-5-O-phosphono-1-(3,3,4,5-tetramethyl-9,11-dioxo-2,3,8,9,10,11-hexahydro-7H-quinolino[1,8-fg]pteridin-12-ium-7-y l)-D-ribitol'
3 non-polymer 'MANGANESE (II) ION'
4 non-polymer 'POTASSIUM ION'
5 non-polymer 'THIOCYANATE ION'
6 water water
#
_entity_poly.entity_id   1
_entity_poly.type   'polypeptide(L)'
_entity_poly.pdbx_seq_one_letter_code
;MSAQPAHLCFRSFVEALKVDNDLVEINTPIDPNLEAAAITRRVCETNDKAPLFNNLIGMKNGLFRILGAPGSLRKSSADR
YGRLARHLALPPTASMREILDKMLSASDMPPIPPTIVPTGPCKENSLDDSEFDLTELPVPLIHKSDGGKYIQTYGMHIVQ
SPDGTWTNWSIARAMVHDKNHLTGLCIPPQHIWQIHQMWKKEGRSDVPWALAFGVPPAAIMASSMPIPDGVTEAGYVGAM
TGSSLELVKCDTNDLYVPATSEIVLEGTLSISETGPEGPFGEMHGYIFPGDTHLGCKYKVNRITYRNNAIMPMSSCGRLT
DETHTMIGSLAAAEIRKLCQQNDLPITDAFAPFESQVTWVALRVDTEKLRAMKTTSEGFRKRVGDVVFNHKAGYTIHRLV
LVGDDIDVYEGKDVLWAFSTRCRPGMDETLFEDVRGFPLIPYMGHGNGPAHRGGKVVSDALMPTEYTTGRNWEAADFNQS
YPEDLKQKVLDNWTKMGFSNLEHHHHHH
;
_entity_poly.pdbx_strand_id   A
#
loop_
_chem_comp.id
_chem_comp.type
_chem_comp.name
_chem_comp.formula
4LU non-polymer '1-deoxy-5-O-phosphono-1-(3,3,4,5-tetramethyl-9,11-dioxo-2,3,8,9,10,11-hexahydro-7H-quinolino[1,8-fg]pteridin-12-ium-7-y l)-D-ribitol' 'C22 H30 N4 O9 P 1'
K non-polymer 'POTASSIUM ION' 'K 1'
MN non-polymer 'MANGANESE (II) ION' 'Mn 2'
SCN non-polymer 'THIOCYANATE ION' 'C N S -1'
#
# COMPACT_ATOMS: atom_id res chain seq x y z
N GLN A 4 -0.71 -17.54 -18.05
CA GLN A 4 0.26 -17.02 -17.06
C GLN A 4 -0.43 -16.97 -15.70
N PRO A 5 0.29 -17.21 -14.58
CA PRO A 5 -0.34 -17.19 -13.27
C PRO A 5 -0.80 -15.82 -12.82
N ALA A 6 -1.85 -15.80 -11.97
CA ALA A 6 -2.47 -14.55 -11.51
C ALA A 6 -1.47 -13.58 -10.89
N HIS A 7 -0.50 -14.08 -10.12
CA HIS A 7 0.46 -13.20 -9.44
C HIS A 7 1.45 -12.54 -10.39
N LEU A 8 1.61 -13.12 -11.58
CA LEU A 8 2.57 -12.64 -12.56
C LEU A 8 1.93 -11.92 -13.75
N CYS A 9 0.60 -11.83 -13.82
CA CYS A 9 -0.07 -11.27 -14.97
C CYS A 9 -1.42 -10.70 -14.53
N PHE A 10 -1.58 -9.39 -14.71
CA PHE A 10 -2.78 -8.69 -14.25
C PHE A 10 -4.03 -9.26 -14.94
N ARG A 11 -3.96 -9.60 -16.23
CA ARG A 11 -5.13 -10.10 -16.90
C ARG A 11 -5.58 -11.40 -16.24
N SER A 12 -4.61 -12.25 -15.90
CA SER A 12 -4.88 -13.50 -15.21
C SER A 12 -5.44 -13.27 -13.81
N PHE A 13 -4.96 -12.24 -13.13
CA PHE A 13 -5.49 -11.83 -11.85
C PHE A 13 -6.96 -11.46 -11.94
N VAL A 14 -7.37 -10.71 -12.96
CA VAL A 14 -8.79 -10.36 -13.14
C VAL A 14 -9.62 -11.63 -13.31
N GLU A 15 -9.09 -12.58 -14.09
N GLU A 15 -9.09 -12.59 -14.07
CA GLU A 15 -9.79 -13.86 -14.29
CA GLU A 15 -9.81 -13.83 -14.29
C GLU A 15 -9.92 -14.59 -12.94
C GLU A 15 -9.89 -14.63 -12.99
N ALA A 16 -8.86 -14.56 -12.13
CA ALA A 16 -8.88 -15.22 -10.83
C ALA A 16 -9.99 -14.63 -9.96
N LEU A 17 -10.10 -13.31 -9.90
CA LEU A 17 -11.16 -12.70 -9.11
C LEU A 17 -12.54 -13.16 -9.62
N LYS A 18 -12.77 -13.15 -10.94
N LYS A 18 -12.62 -13.37 -10.95
CA LYS A 18 -14.03 -13.65 -11.46
CA LYS A 18 -13.86 -13.78 -11.61
C LYS A 18 -14.30 -15.05 -10.89
C LYS A 18 -14.27 -15.17 -11.11
N VAL A 19 -13.33 -15.93 -11.10
N VAL A 19 -13.36 -16.15 -11.05
CA VAL A 19 -13.50 -17.34 -10.78
CA VAL A 19 -13.79 -17.48 -10.65
C VAL A 19 -13.74 -17.54 -9.28
C VAL A 19 -13.79 -17.61 -9.13
N ASP A 20 -13.18 -16.66 -8.41
CA ASP A 20 -13.39 -16.59 -6.97
C ASP A 20 -14.80 -16.08 -6.58
N ASN A 21 -15.59 -15.63 -7.55
CA ASN A 21 -16.85 -14.95 -7.28
C ASN A 21 -16.58 -13.68 -6.45
N ASP A 22 -15.50 -12.98 -6.86
CA ASP A 22 -15.04 -11.78 -6.15
C ASP A 22 -14.99 -10.59 -7.10
N LEU A 23 -15.73 -10.68 -8.21
N LEU A 23 -15.87 -10.56 -8.09
CA LEU A 23 -15.79 -9.70 -9.28
CA LEU A 23 -15.80 -9.56 -9.11
C LEU A 23 -17.25 -9.47 -9.66
C LEU A 23 -17.14 -9.47 -9.81
N VAL A 24 -17.59 -8.22 -9.99
CA VAL A 24 -18.83 -7.88 -10.66
C VAL A 24 -18.46 -7.17 -11.95
N GLU A 25 -18.82 -7.80 -13.08
CA GLU A 25 -18.58 -7.19 -14.37
C GLU A 25 -19.78 -6.30 -14.72
N ILE A 26 -19.51 -5.03 -14.96
N ILE A 26 -19.51 -5.01 -14.88
CA ILE A 26 -20.55 -4.05 -15.26
CA ILE A 26 -20.53 -4.05 -15.27
C ILE A 26 -20.38 -3.65 -16.72
C ILE A 26 -20.31 -3.78 -16.75
N ASN A 27 -21.28 -4.19 -17.57
CA ASN A 27 -21.12 -4.17 -19.02
C ASN A 27 -21.96 -3.03 -19.61
N THR A 28 -22.76 -2.33 -18.82
CA THR A 28 -23.50 -1.15 -19.26
C THR A 28 -22.65 0.10 -19.06
N PRO A 29 -22.95 1.22 -19.73
CA PRO A 29 -22.09 2.40 -19.68
C PRO A 29 -21.98 2.98 -18.28
N ILE A 30 -20.73 3.23 -17.88
CA ILE A 30 -20.44 3.89 -16.61
C ILE A 30 -19.58 5.11 -16.90
N ASP A 31 -19.93 6.20 -16.24
CA ASP A 31 -19.21 7.46 -16.44
C ASP A 31 -17.89 7.46 -15.66
N PRO A 32 -16.73 7.69 -16.30
CA PRO A 32 -15.52 7.90 -15.50
C PRO A 32 -15.52 9.19 -14.67
N ASN A 33 -16.43 10.14 -15.03
CA ASN A 33 -16.65 11.29 -14.17
C ASN A 33 -17.49 10.86 -12.96
N LEU A 34 -16.76 10.54 -11.89
CA LEU A 34 -17.28 10.21 -10.56
C LEU A 34 -18.02 8.88 -10.42
N GLU A 35 -18.76 8.42 -11.42
CA GLU A 35 -19.63 7.25 -11.23
C GLU A 35 -18.82 5.99 -10.95
N ALA A 36 -17.77 5.71 -11.76
CA ALA A 36 -16.96 4.51 -11.52
C ALA A 36 -16.35 4.56 -10.13
N ALA A 37 -15.82 5.73 -9.72
CA ALA A 37 -15.19 5.85 -8.41
C ALA A 37 -16.22 5.80 -7.28
N ALA A 38 -17.45 6.28 -7.51
CA ALA A 38 -18.48 6.18 -6.48
C ALA A 38 -18.89 4.73 -6.20
N ILE A 39 -19.06 3.93 -7.27
CA ILE A 39 -19.34 2.53 -7.12
C ILE A 39 -18.20 1.87 -6.35
N THR A 40 -16.96 2.21 -6.77
CA THR A 40 -15.76 1.62 -6.16
C THR A 40 -15.68 2.02 -4.68
N ARG A 41 -16.00 3.26 -4.37
CA ARG A 41 -15.96 3.74 -3.00
C ARG A 41 -16.93 2.95 -2.13
N ARG A 42 -18.15 2.74 -2.64
N ARG A 42 -18.14 2.69 -2.63
CA ARG A 42 -19.17 1.97 -1.94
CA ARG A 42 -19.11 1.97 -1.84
C ARG A 42 -18.70 0.53 -1.71
C ARG A 42 -18.72 0.49 -1.70
N VAL A 43 -18.10 -0.09 -2.74
CA VAL A 43 -17.50 -1.40 -2.60
C VAL A 43 -16.54 -1.41 -1.42
N CYS A 44 -15.61 -0.42 -1.38
CA CYS A 44 -14.57 -0.39 -0.36
C CYS A 44 -15.11 -0.19 1.05
N GLU A 45 -16.17 0.57 1.19
CA GLU A 45 -16.77 0.85 2.48
C GLU A 45 -17.62 -0.33 2.93
N THR A 46 -17.95 -1.26 2.03
CA THR A 46 -18.80 -2.38 2.38
C THR A 46 -18.12 -3.72 2.16
N ASN A 47 -16.84 -3.76 1.78
CA ASN A 47 -16.12 -4.98 1.49
C ASN A 47 -16.79 -5.86 0.43
N ASP A 48 -17.38 -5.24 -0.59
CA ASP A 48 -18.06 -5.99 -1.65
C ASP A 48 -17.02 -6.47 -2.67
N LYS A 49 -17.56 -7.12 -3.69
CA LYS A 49 -16.81 -7.65 -4.80
C LYS A 49 -16.20 -6.49 -5.60
N ALA A 50 -15.04 -6.78 -6.23
CA ALA A 50 -14.36 -5.78 -7.02
C ALA A 50 -15.15 -5.49 -8.29
N PRO A 51 -15.31 -4.21 -8.68
CA PRO A 51 -16.03 -3.89 -9.91
C PRO A 51 -15.13 -3.81 -11.10
N LEU A 52 -15.53 -4.47 -12.18
CA LEU A 52 -14.84 -4.37 -13.47
C LEU A 52 -15.78 -3.64 -14.42
N PHE A 53 -15.37 -2.43 -14.78
CA PHE A 53 -16.15 -1.57 -15.64
C PHE A 53 -15.68 -1.86 -17.08
N ASN A 54 -16.46 -2.67 -17.79
CA ASN A 54 -16.17 -3.06 -19.17
C ASN A 54 -16.68 -2.08 -20.22
N ASN A 55 -17.42 -1.07 -19.81
CA ASN A 55 -18.04 -0.16 -20.75
C ASN A 55 -17.97 1.24 -20.17
N LEU A 56 -16.85 1.91 -20.37
N LEU A 56 -16.80 1.86 -20.33
CA LEU A 56 -16.56 3.18 -19.71
CA LEU A 56 -16.60 3.21 -19.86
C LEU A 56 -16.78 4.28 -20.75
C LEU A 56 -17.13 4.14 -20.94
N ILE A 57 -17.74 5.19 -20.47
CA ILE A 57 -18.12 6.28 -21.36
C ILE A 57 -16.86 7.04 -21.75
N GLY A 58 -16.64 7.14 -23.07
CA GLY A 58 -15.48 7.88 -23.59
C GLY A 58 -14.27 7.01 -23.89
N MET A 59 -14.37 5.67 -23.73
N MET A 59 -14.39 5.71 -23.72
CA MET A 59 -13.28 4.74 -24.05
CA MET A 59 -13.31 4.87 -24.18
C MET A 59 -13.04 4.79 -25.57
C MET A 59 -13.01 5.25 -25.63
N LYS A 60 -11.76 5.08 -25.97
CA LYS A 60 -11.34 5.46 -27.31
C LYS A 60 -10.25 4.47 -27.72
N ASN A 61 -10.38 3.77 -28.86
CA ASN A 61 -9.21 3.08 -29.41
C ASN A 61 -8.70 2.02 -28.45
N GLY A 62 -9.62 1.38 -27.71
CA GLY A 62 -9.30 0.34 -26.76
C GLY A 62 -8.84 0.88 -25.39
N LEU A 63 -8.85 2.20 -25.16
CA LEU A 63 -8.41 2.75 -23.88
C LEU A 63 -9.60 3.39 -23.19
N PHE A 64 -10.06 2.86 -22.06
CA PHE A 64 -9.67 1.64 -21.36
C PHE A 64 -10.87 1.21 -20.51
N ARG A 65 -10.85 -0.04 -20.03
CA ARG A 65 -11.73 -0.55 -18.98
C ARG A 65 -11.11 -0.15 -17.66
N ILE A 66 -11.87 -0.25 -16.56
CA ILE A 66 -11.36 0.01 -15.23
C ILE A 66 -11.66 -1.16 -14.31
N LEU A 67 -10.70 -1.60 -13.51
CA LEU A 67 -10.94 -2.46 -12.36
C LEU A 67 -10.77 -1.62 -11.10
N GLY A 68 -11.82 -1.47 -10.32
CA GLY A 68 -11.71 -0.82 -9.02
C GLY A 68 -11.46 -1.79 -7.88
N ALA A 69 -10.98 -1.25 -6.76
CA ALA A 69 -10.79 -2.01 -5.53
C ALA A 69 -9.93 -3.26 -5.71
N PRO A 70 -8.78 -3.17 -6.42
CA PRO A 70 -8.01 -4.38 -6.69
C PRO A 70 -7.39 -5.03 -5.46
N GLY A 71 -7.12 -4.26 -4.39
CA GLY A 71 -6.45 -4.77 -3.19
C GLY A 71 -7.27 -4.52 -1.92
N SER A 72 -8.61 -4.41 -2.07
CA SER A 72 -9.50 -4.15 -0.95
C SER A 72 -9.97 -5.46 -0.30
N LEU A 73 -10.83 -5.36 0.73
CA LEU A 73 -11.16 -6.49 1.59
C LEU A 73 -12.41 -7.21 1.07
N ARG A 74 -12.47 -8.49 1.40
CA ARG A 74 -13.69 -9.27 1.20
C ARG A 74 -14.53 -9.28 2.47
N LYS A 75 -15.82 -9.60 2.31
CA LYS A 75 -16.77 -9.51 3.41
C LYS A 75 -16.50 -10.57 4.50
N SER A 76 -16.23 -11.80 4.07
N SER A 76 -16.25 -11.81 4.09
CA SER A 76 -16.02 -12.89 5.02
CA SER A 76 -16.10 -12.89 5.08
C SER A 76 -14.74 -12.71 5.83
C SER A 76 -14.75 -12.87 5.77
N SER A 77 -14.74 -13.18 7.08
CA SER A 77 -13.51 -13.25 7.85
C SER A 77 -12.60 -14.34 7.28
N ALA A 78 -13.15 -15.41 6.69
CA ALA A 78 -12.31 -16.53 6.32
C ALA A 78 -11.37 -16.18 5.16
N ASP A 79 -11.80 -15.33 4.24
CA ASP A 79 -10.99 -14.94 3.10
C ASP A 79 -10.93 -13.42 3.00
N ARG A 80 -10.98 -12.74 4.14
CA ARG A 80 -10.90 -11.29 4.26
C ARG A 80 -9.82 -10.69 3.35
N TYR A 81 -8.62 -11.32 3.33
CA TYR A 81 -7.45 -10.80 2.65
C TYR A 81 -7.24 -11.50 1.31
N GLY A 82 -8.28 -12.17 0.79
CA GLY A 82 -8.10 -13.01 -0.38
C GLY A 82 -7.63 -12.25 -1.62
N ARG A 83 -8.07 -11.00 -1.78
CA ARG A 83 -7.68 -10.24 -2.95
C ARG A 83 -6.17 -9.97 -2.87
N LEU A 84 -5.63 -9.70 -1.67
N LEU A 84 -5.58 -9.75 -1.67
CA LEU A 84 -4.18 -9.56 -1.49
CA LEU A 84 -4.14 -9.59 -1.50
C LEU A 84 -3.49 -10.90 -1.74
C LEU A 84 -3.39 -10.92 -1.66
N ALA A 85 -3.98 -12.01 -1.16
CA ALA A 85 -3.42 -13.34 -1.39
C ALA A 85 -3.31 -13.63 -2.89
N ARG A 86 -4.31 -13.17 -3.68
CA ARG A 86 -4.30 -13.41 -5.13
C ARG A 86 -3.23 -12.59 -5.84
N HIS A 87 -2.63 -11.57 -5.18
CA HIS A 87 -1.48 -10.88 -5.73
C HIS A 87 -0.20 -11.71 -5.64
N LEU A 88 -0.19 -12.76 -4.81
CA LEU A 88 1.04 -13.39 -4.32
C LEU A 88 1.09 -14.90 -4.46
N ALA A 89 0.07 -15.50 -5.06
CA ALA A 89 0.04 -16.97 -5.23
C ALA A 89 -0.24 -17.64 -3.89
N LEU A 90 -0.77 -16.92 -2.92
CA LEU A 90 -1.13 -17.51 -1.64
C LEU A 90 -2.57 -17.99 -1.66
N PRO A 91 -2.93 -18.98 -0.81
CA PRO A 91 -4.32 -19.34 -0.70
C PRO A 91 -5.20 -18.17 -0.29
N PRO A 92 -6.46 -18.08 -0.74
CA PRO A 92 -7.27 -16.92 -0.40
C PRO A 92 -7.61 -16.76 1.09
N THR A 93 -7.42 -17.86 1.84
CA THR A 93 -7.61 -17.91 3.27
C THR A 93 -6.36 -17.49 4.07
N ALA A 94 -5.34 -16.99 3.36
CA ALA A 94 -4.11 -16.60 4.02
C ALA A 94 -4.34 -15.49 5.06
N SER A 95 -3.61 -15.63 6.19
CA SER A 95 -3.62 -14.63 7.23
C SER A 95 -2.75 -13.44 6.81
N MET A 96 -2.97 -12.32 7.49
N MET A 96 -2.91 -12.31 7.50
CA MET A 96 -2.11 -11.17 7.31
CA MET A 96 -2.04 -11.16 7.22
C MET A 96 -0.66 -11.54 7.62
C MET A 96 -0.62 -11.49 7.67
N ARG A 97 -0.43 -12.31 8.70
CA ARG A 97 0.94 -12.72 9.02
C ARG A 97 1.59 -13.43 7.84
N GLU A 98 0.84 -14.33 7.19
CA GLU A 98 1.34 -15.08 6.05
C GLU A 98 1.60 -14.17 4.84
N ILE A 99 0.73 -13.20 4.60
CA ILE A 99 0.94 -12.26 3.50
C ILE A 99 2.19 -11.43 3.76
N LEU A 100 2.35 -10.88 4.97
CA LEU A 100 3.50 -10.03 5.25
C LEU A 100 4.78 -10.86 5.27
N ASP A 101 4.76 -12.08 5.80
CA ASP A 101 5.93 -12.93 5.71
C ASP A 101 6.32 -13.18 4.26
N LYS A 102 5.35 -13.38 3.38
CA LYS A 102 5.63 -13.57 1.96
C LYS A 102 6.32 -12.32 1.41
N MET A 103 5.79 -11.14 1.77
CA MET A 103 6.38 -9.88 1.31
C MET A 103 7.77 -9.61 1.86
N LEU A 104 8.10 -10.17 3.04
CA LEU A 104 9.43 -10.03 3.61
C LEU A 104 10.40 -11.14 3.20
N SER A 105 9.92 -12.21 2.56
CA SER A 105 10.72 -13.40 2.36
C SER A 105 11.95 -13.11 1.51
N ALA A 106 11.86 -12.23 0.53
CA ALA A 106 12.96 -11.89 -0.35
C ALA A 106 14.07 -11.09 0.33
N SER A 107 13.85 -10.61 1.55
N SER A 107 13.81 -10.54 1.52
CA SER A 107 14.82 -9.77 2.22
CA SER A 107 14.79 -9.68 2.16
C SER A 107 16.07 -10.56 2.64
C SER A 107 16.13 -10.39 2.30
N ASP A 108 15.98 -11.87 2.73
N ASP A 108 16.04 -11.68 2.64
CA ASP A 108 17.22 -12.59 2.98
CA ASP A 108 17.18 -12.51 3.01
C ASP A 108 17.39 -13.65 1.90
C ASP A 108 17.77 -13.30 1.85
N MET A 109 17.15 -13.21 0.67
CA MET A 109 17.41 -14.06 -0.48
C MET A 109 18.20 -13.26 -1.50
N PRO A 110 19.01 -13.93 -2.35
CA PRO A 110 19.65 -13.23 -3.46
C PRO A 110 18.56 -12.74 -4.40
N PRO A 111 18.65 -11.52 -4.96
CA PRO A 111 17.70 -11.10 -5.99
C PRO A 111 17.68 -12.11 -7.13
N ILE A 112 16.55 -12.17 -7.84
CA ILE A 112 16.45 -12.88 -9.10
C ILE A 112 16.22 -11.83 -10.16
N PRO A 113 17.25 -11.41 -10.90
CA PRO A 113 17.08 -10.32 -11.86
C PRO A 113 16.08 -10.69 -12.92
N PRO A 114 15.45 -9.68 -13.52
CA PRO A 114 14.47 -9.88 -14.56
C PRO A 114 15.09 -10.42 -15.85
N THR A 115 14.20 -10.96 -16.67
CA THR A 115 14.56 -11.54 -17.97
C THR A 115 14.02 -10.62 -19.06
N ILE A 116 14.85 -10.22 -20.02
CA ILE A 116 14.40 -9.39 -21.11
C ILE A 116 13.87 -10.30 -22.21
N VAL A 117 12.68 -9.96 -22.69
CA VAL A 117 12.03 -10.65 -23.79
C VAL A 117 11.75 -9.62 -24.86
N PRO A 118 11.67 -10.08 -26.12
CA PRO A 118 11.60 -9.13 -27.21
C PRO A 118 10.27 -8.42 -27.37
N THR A 119 9.19 -9.04 -26.90
CA THR A 119 7.88 -8.40 -27.00
C THR A 119 6.96 -8.96 -25.93
N GLY A 120 5.76 -8.42 -25.87
CA GLY A 120 4.73 -8.95 -25.00
C GLY A 120 3.41 -8.28 -25.27
N PRO A 121 2.35 -8.67 -24.53
CA PRO A 121 1.05 -8.06 -24.75
C PRO A 121 0.97 -6.54 -24.65
N CYS A 122 1.84 -5.93 -23.83
CA CYS A 122 1.82 -4.48 -23.70
C CYS A 122 2.24 -3.75 -24.95
N LYS A 123 2.69 -4.51 -25.97
CA LYS A 123 3.04 -3.93 -27.26
C LYS A 123 1.95 -4.16 -28.30
N GLU A 124 0.78 -4.67 -27.93
CA GLU A 124 -0.27 -4.98 -28.89
C GLU A 124 -0.74 -3.76 -29.65
N ASN A 125 -0.71 -2.58 -29.00
CA ASN A 125 -1.16 -1.32 -29.57
C ASN A 125 -0.21 -0.21 -29.12
N SER A 126 -0.07 0.82 -29.93
CA SER A 126 0.75 1.98 -29.61
C SER A 126 0.11 3.26 -30.16
N LEU A 127 0.40 4.36 -29.46
CA LEU A 127 0.00 5.71 -29.84
C LEU A 127 1.20 6.61 -29.62
N ASP A 128 1.61 7.29 -30.69
CA ASP A 128 2.68 8.24 -30.60
C ASP A 128 2.15 9.61 -30.18
N ASP A 129 3.14 10.53 -30.14
N ASP A 129 3.08 10.56 -30.01
CA ASP A 129 3.04 11.91 -29.70
CA ASP A 129 2.81 11.92 -29.54
C ASP A 129 2.03 12.74 -30.49
C ASP A 129 1.71 12.60 -30.37
N SER A 130 1.56 12.24 -31.64
CA SER A 130 0.58 12.94 -32.47
C SER A 130 -0.78 12.26 -32.44
N GLU A 131 -0.86 11.12 -31.74
CA GLU A 131 -2.03 10.25 -31.83
C GLU A 131 -2.79 10.09 -30.51
N PHE A 132 -2.20 10.49 -29.36
CA PHE A 132 -2.96 10.46 -28.12
C PHE A 132 -3.17 11.87 -27.59
N ASP A 133 -4.19 12.00 -26.74
CA ASP A 133 -4.43 13.20 -25.97
C ASP A 133 -4.96 12.72 -24.62
N LEU A 134 -4.19 12.92 -23.54
CA LEU A 134 -4.58 12.35 -22.25
C LEU A 134 -5.87 12.99 -21.74
N THR A 135 -6.27 14.17 -22.26
CA THR A 135 -7.51 14.79 -21.84
C THR A 135 -8.72 14.18 -22.54
N GLU A 136 -8.49 13.36 -23.56
CA GLU A 136 -9.53 12.72 -24.34
C GLU A 136 -9.79 11.29 -23.85
N LEU A 137 -8.89 10.74 -23.06
CA LEU A 137 -9.06 9.41 -22.49
C LEU A 137 -10.07 9.44 -21.35
N PRO A 138 -10.69 8.29 -21.03
CA PRO A 138 -11.70 8.23 -19.97
C PRO A 138 -11.09 8.15 -18.57
N VAL A 139 -10.19 9.08 -18.30
CA VAL A 139 -9.53 9.16 -17.02
C VAL A 139 -10.56 9.52 -15.95
N PRO A 140 -10.58 8.81 -14.81
CA PRO A 140 -11.61 9.08 -13.83
C PRO A 140 -11.38 10.35 -13.03
N LEU A 141 -12.53 10.99 -12.69
CA LEU A 141 -12.57 11.93 -11.58
C LEU A 141 -13.00 11.11 -10.39
N ILE A 142 -12.10 10.94 -9.41
CA ILE A 142 -12.29 9.97 -8.33
C ILE A 142 -13.11 10.52 -7.17
N HIS A 143 -12.89 11.81 -6.83
CA HIS A 143 -13.64 12.49 -5.78
C HIS A 143 -14.10 13.83 -6.37
N LYS A 144 -15.27 14.31 -5.90
N LYS A 144 -15.27 14.34 -5.96
CA LYS A 144 -15.89 15.46 -6.53
CA LYS A 144 -15.79 15.49 -6.69
C LYS A 144 -15.04 16.74 -6.51
C LYS A 144 -14.94 16.75 -6.57
N SER A 145 -14.23 16.94 -5.46
CA SER A 145 -13.37 18.11 -5.30
C SER A 145 -11.92 17.88 -5.75
N ASP A 146 -11.59 16.71 -6.33
CA ASP A 146 -10.22 16.54 -6.80
C ASP A 146 -9.84 17.64 -7.79
N GLY A 147 -8.54 17.97 -7.76
CA GLY A 147 -7.99 19.01 -8.59
C GLY A 147 -7.56 18.54 -9.98
N GLY A 148 -7.87 17.29 -10.31
CA GLY A 148 -7.58 16.77 -11.63
C GLY A 148 -8.15 15.37 -11.75
N LYS A 149 -8.01 14.80 -12.95
N LYS A 149 -8.07 14.83 -12.97
CA LYS A 149 -8.42 13.44 -13.22
CA LYS A 149 -8.40 13.46 -13.28
C LYS A 149 -7.23 12.51 -12.98
C LYS A 149 -7.20 12.61 -12.92
N TYR A 150 -7.35 11.74 -11.90
CA TYR A 150 -6.24 10.94 -11.39
C TYR A 150 -6.14 9.64 -12.19
N ILE A 151 -5.35 9.70 -13.28
CA ILE A 151 -5.11 8.52 -14.09
C ILE A 151 -4.33 7.50 -13.26
N GLN A 152 -3.48 7.99 -12.35
CA GLN A 152 -2.50 7.13 -11.70
C GLN A 152 -2.80 6.97 -10.20
N THR A 153 -3.50 5.85 -9.89
CA THR A 153 -3.71 5.41 -8.53
C THR A 153 -3.20 4.00 -8.28
N TYR A 154 -2.92 3.20 -9.32
CA TYR A 154 -2.52 1.82 -9.03
C TYR A 154 -1.55 1.29 -10.11
N GLY A 155 -0.88 2.19 -10.82
CA GLY A 155 0.25 1.82 -11.64
C GLY A 155 1.57 2.03 -10.92
N MET A 156 2.67 1.60 -11.55
CA MET A 156 3.98 1.75 -10.94
C MET A 156 4.85 2.62 -11.81
N HIS A 157 5.39 3.65 -11.16
CA HIS A 157 6.43 4.47 -11.78
C HIS A 157 7.74 3.69 -11.80
N ILE A 158 8.45 3.83 -12.93
CA ILE A 158 9.75 3.18 -13.13
C ILE A 158 10.78 4.27 -13.41
N VAL A 159 11.73 4.43 -12.51
CA VAL A 159 12.86 5.33 -12.72
C VAL A 159 14.11 4.63 -12.30
N GLN A 160 15.25 5.03 -12.88
CA GLN A 160 16.53 4.39 -12.61
C GLN A 160 17.55 5.45 -12.17
N SER A 161 18.46 5.07 -11.27
CA SER A 161 19.55 5.98 -10.88
C SER A 161 20.36 6.36 -12.13
N PRO A 162 20.97 7.56 -12.17
CA PRO A 162 21.83 7.91 -13.31
C PRO A 162 22.89 6.86 -13.63
N ASP A 163 23.45 6.20 -12.62
CA ASP A 163 24.55 5.25 -12.85
C ASP A 163 24.03 3.88 -13.29
N GLY A 164 22.70 3.71 -13.32
CA GLY A 164 22.10 2.47 -13.82
C GLY A 164 22.03 1.34 -12.81
N THR A 165 22.51 1.53 -11.58
CA THR A 165 22.65 0.43 -10.64
C THR A 165 21.35 0.10 -9.88
N TRP A 166 20.38 1.04 -9.87
CA TRP A 166 19.16 0.86 -9.08
C TRP A 166 17.98 1.28 -9.93
N THR A 167 17.03 0.35 -10.17
CA THR A 167 15.80 0.67 -10.86
C THR A 167 14.64 0.52 -9.88
N ASN A 168 13.98 1.62 -9.58
CA ASN A 168 12.91 1.62 -8.58
C ASN A 168 11.53 1.54 -9.22
N TRP A 169 10.67 0.73 -8.57
CA TRP A 169 9.25 0.64 -8.88
C TRP A 169 8.45 1.11 -7.65
N SER A 170 7.56 2.08 -7.84
CA SER A 170 6.77 2.59 -6.73
C SER A 170 5.43 3.12 -7.21
N ILE A 171 4.49 3.16 -6.30
CA ILE A 171 3.23 3.84 -6.51
C ILE A 171 3.35 5.22 -5.88
N ALA A 172 3.05 6.22 -6.71
CA ALA A 172 2.85 7.63 -6.31
C ALA A 172 1.75 8.16 -7.21
N ARG A 173 0.85 8.97 -6.67
CA ARG A 173 -0.30 9.44 -7.41
C ARG A 173 0.13 10.39 -8.53
N ALA A 174 -0.67 10.42 -9.59
CA ALA A 174 -0.49 11.38 -10.65
C ALA A 174 -1.81 11.63 -11.33
N MET A 175 -1.93 12.88 -11.85
CA MET A 175 -3.14 13.35 -12.51
C MET A 175 -2.75 13.97 -13.85
N VAL A 176 -3.75 14.03 -14.74
CA VAL A 176 -3.53 14.64 -16.04
C VAL A 176 -3.42 16.17 -15.93
N HIS A 177 -2.35 16.71 -16.52
CA HIS A 177 -2.11 18.16 -16.61
C HIS A 177 -2.61 18.74 -17.92
N ASP A 178 -2.21 18.09 -19.02
CA ASP A 178 -2.67 18.48 -20.35
C ASP A 178 -2.54 17.30 -21.29
N LYS A 179 -2.65 17.55 -22.61
CA LYS A 179 -2.69 16.44 -23.55
C LYS A 179 -1.51 15.46 -23.41
N ASN A 180 -0.33 15.93 -22.99
CA ASN A 180 0.82 15.07 -22.95
C ASN A 180 1.67 15.22 -21.69
N HIS A 181 1.04 15.62 -20.58
CA HIS A 181 1.74 15.72 -19.31
C HIS A 181 0.83 15.33 -18.15
N LEU A 182 1.48 14.77 -17.13
CA LEU A 182 0.92 14.53 -15.81
C LEU A 182 1.60 15.44 -14.79
N THR A 183 0.93 15.66 -13.67
CA THR A 183 1.57 16.11 -12.45
C THR A 183 1.32 15.11 -11.34
N GLY A 184 2.22 15.07 -10.37
CA GLY A 184 2.00 14.13 -9.28
C GLY A 184 2.82 14.48 -8.07
N LEU A 185 2.81 13.61 -7.06
N LEU A 185 2.59 13.69 -7.05
CA LEU A 185 3.59 13.76 -5.85
CA LEU A 185 3.17 13.89 -5.76
C LEU A 185 4.93 13.04 -5.99
C LEU A 185 4.49 13.15 -5.72
N CYS A 186 6.01 13.77 -5.68
N CYS A 186 5.55 13.90 -5.43
CA CYS A 186 7.37 13.22 -5.60
CA CYS A 186 6.89 13.35 -5.39
C CYS A 186 8.02 13.80 -4.35
C CYS A 186 7.62 14.01 -4.23
N ILE A 187 7.72 13.25 -3.15
CA ILE A 187 8.07 13.90 -1.90
C ILE A 187 9.08 13.08 -1.14
N PRO A 188 9.98 13.73 -0.37
CA PRO A 188 10.89 12.96 0.45
C PRO A 188 10.14 12.18 1.52
N PRO A 189 10.61 11.01 1.96
CA PRO A 189 11.89 10.37 1.57
C PRO A 189 11.73 9.30 0.49
N GLN A 190 10.66 9.39 -0.29
CA GLN A 190 10.28 8.33 -1.21
C GLN A 190 11.32 8.13 -2.31
N HIS A 191 11.44 6.88 -2.79
CA HIS A 191 12.50 6.57 -3.73
C HIS A 191 12.34 7.30 -5.06
N ILE A 192 11.13 7.63 -5.50
CA ILE A 192 11.01 8.42 -6.72
C ILE A 192 11.68 9.78 -6.52
N TRP A 193 11.51 10.33 -5.33
CA TRP A 193 12.14 11.60 -4.97
C TRP A 193 13.65 11.44 -4.85
N GLN A 194 14.11 10.38 -4.20
CA GLN A 194 15.53 10.18 -4.02
C GLN A 194 16.24 10.05 -5.38
N ILE A 195 15.65 9.31 -6.30
CA ILE A 195 16.23 9.19 -7.63
C ILE A 195 16.11 10.49 -8.39
N HIS A 196 14.99 11.21 -8.27
N HIS A 196 14.98 11.19 -8.32
CA HIS A 196 14.82 12.48 -8.93
CA HIS A 196 14.83 12.49 -8.93
C HIS A 196 15.90 13.48 -8.49
C HIS A 196 15.98 13.41 -8.51
N GLN A 197 16.27 13.43 -7.20
CA GLN A 197 17.34 14.26 -6.67
C GLN A 197 18.67 13.96 -7.36
N MET A 198 18.94 12.67 -7.59
CA MET A 198 20.21 12.29 -8.20
C MET A 198 20.31 12.92 -9.58
N TRP A 199 19.25 12.84 -10.38
CA TRP A 199 19.21 13.43 -11.71
C TRP A 199 19.33 14.96 -11.64
N LYS A 200 18.68 15.58 -10.66
N LYS A 200 18.65 15.58 -10.68
CA LYS A 200 18.74 17.03 -10.54
CA LYS A 200 18.76 17.03 -10.52
C LYS A 200 20.17 17.49 -10.24
C LYS A 200 20.19 17.47 -10.27
N LYS A 201 20.88 16.75 -9.38
CA LYS A 201 22.27 17.09 -9.04
C LYS A 201 23.17 16.87 -10.25
N GLU A 202 22.92 15.86 -11.10
N GLU A 202 22.90 15.81 -11.03
CA GLU A 202 23.75 15.67 -12.30
CA GLU A 202 23.66 15.58 -12.24
C GLU A 202 23.43 16.78 -13.30
C GLU A 202 23.45 16.78 -13.16
N GLY A 203 22.18 17.24 -13.28
CA GLY A 203 21.79 18.46 -14.00
C GLY A 203 21.82 18.43 -15.52
N ARG A 204 21.99 17.27 -16.14
CA ARG A 204 22.16 17.15 -17.59
C ARG A 204 20.86 16.88 -18.37
N SER A 205 19.96 16.05 -17.81
N SER A 205 19.91 16.16 -17.73
CA SER A 205 18.73 15.74 -18.52
CA SER A 205 18.83 15.47 -18.42
C SER A 205 17.60 15.44 -17.55
C SER A 205 17.60 15.41 -17.52
N ASP A 206 16.40 15.50 -18.14
CA ASP A 206 15.20 15.03 -17.47
C ASP A 206 15.35 13.53 -17.25
N VAL A 207 14.56 13.00 -16.32
CA VAL A 207 14.72 11.62 -15.87
C VAL A 207 13.94 10.69 -16.81
N PRO A 208 14.60 9.71 -17.47
CA PRO A 208 13.85 8.74 -18.26
C PRO A 208 12.85 8.08 -17.32
N TRP A 209 11.64 7.89 -17.82
CA TRP A 209 10.53 7.47 -16.98
C TRP A 209 9.58 6.58 -17.76
N ALA A 210 8.98 5.63 -17.04
CA ALA A 210 7.78 4.97 -17.55
C ALA A 210 6.80 4.77 -16.40
N LEU A 211 5.52 4.66 -16.74
CA LEU A 211 4.48 4.37 -15.77
C LEU A 211 3.67 3.23 -16.36
N ALA A 212 3.66 2.06 -15.68
CA ALA A 212 3.03 0.86 -16.19
C ALA A 212 1.82 0.56 -15.29
N PHE A 213 0.66 0.41 -15.92
CA PHE A 213 -0.59 0.13 -15.23
C PHE A 213 -0.98 -1.33 -15.49
N GLY A 214 -1.60 -2.00 -14.53
CA GLY A 214 -1.97 -3.38 -14.74
C GLY A 214 -0.73 -4.24 -14.89
N VAL A 215 0.21 -4.05 -13.97
CA VAL A 215 1.44 -4.82 -13.89
C VAL A 215 1.20 -6.10 -13.13
N PRO A 216 2.19 -7.03 -13.14
CA PRO A 216 2.07 -8.24 -12.35
C PRO A 216 1.68 -7.92 -10.91
N PRO A 217 0.61 -8.54 -10.38
CA PRO A 217 0.19 -8.22 -9.01
C PRO A 217 1.31 -8.32 -7.97
N ALA A 218 2.25 -9.28 -8.10
CA ALA A 218 3.32 -9.35 -7.14
C ALA A 218 4.22 -8.11 -7.22
N ALA A 219 4.36 -7.54 -8.41
CA ALA A 219 5.15 -6.32 -8.62
C ALA A 219 4.44 -5.11 -8.04
N ILE A 220 3.10 -4.98 -8.11
CA ILE A 220 2.44 -3.81 -7.55
C ILE A 220 2.51 -3.87 -6.03
N MET A 221 2.51 -5.08 -5.44
N MET A 221 2.51 -5.08 -5.44
CA MET A 221 2.70 -5.20 -4.00
CA MET A 221 2.67 -5.19 -4.00
C MET A 221 4.07 -4.66 -3.58
C MET A 221 4.06 -4.69 -3.58
N ALA A 222 5.13 -5.08 -4.26
CA ALA A 222 6.46 -4.56 -3.92
C ALA A 222 6.56 -3.06 -4.18
N SER A 223 5.84 -2.58 -5.21
CA SER A 223 5.80 -1.17 -5.54
C SER A 223 5.29 -0.33 -4.36
N SER A 224 4.40 -0.94 -3.56
N SER A 224 4.39 -0.92 -3.55
CA SER A 224 3.75 -0.32 -2.41
CA SER A 224 3.80 -0.25 -2.40
C SER A 224 4.48 -0.52 -1.08
C SER A 224 4.56 -0.41 -1.10
N MET A 225 5.63 -1.21 -1.10
CA MET A 225 6.37 -1.58 0.09
C MET A 225 7.67 -0.79 0.18
N PRO A 226 8.06 -0.32 1.37
CA PRO A 226 9.33 0.43 1.50
C PRO A 226 10.50 -0.52 1.69
N ILE A 227 10.80 -1.29 0.65
CA ILE A 227 12.01 -2.09 0.69
C ILE A 227 13.20 -1.14 0.66
N PRO A 228 14.39 -1.64 1.03
CA PRO A 228 15.49 -0.72 1.27
C PRO A 228 15.92 0.15 0.10
N ASP A 229 16.59 1.24 0.49
CA ASP A 229 17.23 2.11 -0.47
C ASP A 229 18.20 1.29 -1.34
N GLY A 230 18.21 1.58 -2.63
CA GLY A 230 19.16 0.97 -3.54
C GLY A 230 18.75 -0.42 -4.04
N VAL A 231 17.65 -0.97 -3.55
CA VAL A 231 17.24 -2.31 -3.93
C VAL A 231 16.24 -2.23 -5.10
N THR A 232 16.55 -2.92 -6.20
CA THR A 232 15.72 -2.93 -7.38
C THR A 232 14.52 -3.83 -7.11
N GLU A 233 13.31 -3.26 -7.15
CA GLU A 233 12.12 -4.04 -6.84
C GLU A 233 11.98 -5.25 -7.75
N ALA A 234 12.37 -5.15 -9.04
CA ALA A 234 12.18 -6.31 -9.91
C ALA A 234 12.85 -7.56 -9.38
N GLY A 235 14.06 -7.39 -8.86
CA GLY A 235 14.81 -8.53 -8.35
C GLY A 235 14.30 -9.09 -7.03
N TYR A 236 13.71 -8.20 -6.22
CA TYR A 236 13.05 -8.60 -4.99
C TYR A 236 11.79 -9.39 -5.30
N VAL A 237 10.97 -8.89 -6.23
CA VAL A 237 9.80 -9.66 -6.66
C VAL A 237 10.22 -11.01 -7.21
N GLY A 238 11.26 -11.00 -8.07
CA GLY A 238 11.77 -12.26 -8.59
C GLY A 238 12.08 -13.27 -7.49
N ALA A 239 12.82 -12.83 -6.45
CA ALA A 239 13.14 -13.71 -5.33
C ALA A 239 11.90 -14.15 -4.57
N MET A 240 10.99 -13.23 -4.31
N MET A 240 10.98 -13.22 -4.37
CA MET A 240 9.79 -13.56 -3.56
CA MET A 240 9.75 -13.47 -3.61
C MET A 240 8.96 -14.63 -4.27
C MET A 240 8.88 -14.53 -4.27
N THR A 241 8.82 -14.51 -5.60
CA THR A 241 7.97 -15.40 -6.38
C THR A 241 8.73 -16.64 -6.84
N GLY A 242 10.05 -16.61 -6.75
CA GLY A 242 10.86 -17.73 -7.23
C GLY A 242 10.96 -17.74 -8.75
N SER A 243 10.60 -16.65 -9.41
CA SER A 243 10.54 -16.60 -10.88
C SER A 243 11.11 -15.27 -11.35
N SER A 244 12.02 -15.28 -12.34
CA SER A 244 12.46 -14.05 -13.00
C SER A 244 11.32 -13.40 -13.76
N LEU A 245 11.06 -12.11 -13.47
CA LEU A 245 10.03 -11.39 -14.18
C LEU A 245 10.46 -11.08 -15.61
N GLU A 246 9.54 -11.26 -16.55
CA GLU A 246 9.76 -10.95 -17.94
C GLU A 246 9.45 -9.49 -18.20
N LEU A 247 10.44 -8.77 -18.72
CA LEU A 247 10.32 -7.37 -19.07
C LEU A 247 10.63 -7.13 -20.53
N VAL A 248 9.96 -6.13 -21.12
N VAL A 248 10.03 -6.06 -21.09
CA VAL A 248 10.28 -5.67 -22.48
CA VAL A 248 10.28 -5.65 -22.47
C VAL A 248 10.83 -4.26 -22.39
C VAL A 248 10.74 -4.20 -22.48
N LYS A 249 11.67 -3.85 -23.36
CA LYS A 249 12.17 -2.49 -23.39
C LYS A 249 11.06 -1.56 -23.87
N CYS A 250 11.04 -0.34 -23.32
CA CYS A 250 10.26 0.73 -23.85
C CYS A 250 10.71 1.02 -25.28
N ASP A 251 9.80 1.63 -26.05
CA ASP A 251 10.12 2.00 -27.42
C ASP A 251 10.94 3.26 -27.52
N THR A 252 10.70 4.26 -26.63
CA THR A 252 11.32 5.57 -26.74
C THR A 252 12.39 5.80 -25.68
N ASN A 253 12.66 4.83 -24.78
CA ASN A 253 13.78 4.95 -23.87
C ASN A 253 14.26 3.55 -23.55
N ASP A 254 15.26 3.42 -22.68
CA ASP A 254 15.90 2.15 -22.43
C ASP A 254 15.45 1.55 -21.09
N LEU A 255 14.33 2.01 -20.54
CA LEU A 255 13.77 1.36 -19.38
C LEU A 255 13.02 0.13 -19.83
N TYR A 256 12.74 -0.74 -18.87
CA TYR A 256 12.10 -2.02 -19.10
C TYR A 256 10.80 -2.12 -18.29
N VAL A 257 9.73 -2.60 -18.94
CA VAL A 257 8.41 -2.65 -18.32
C VAL A 257 7.93 -4.10 -18.32
N PRO A 258 7.07 -4.52 -17.37
CA PRO A 258 6.54 -5.88 -17.43
C PRO A 258 5.89 -6.16 -18.78
N ALA A 259 6.19 -7.34 -19.35
CA ALA A 259 5.74 -7.73 -20.67
C ALA A 259 4.23 -7.72 -20.81
N THR A 260 3.53 -8.06 -19.72
CA THR A 260 2.07 -8.15 -19.71
C THR A 260 1.39 -6.91 -19.12
N SER A 261 2.13 -5.81 -18.93
CA SER A 261 1.52 -4.54 -18.52
C SER A 261 0.28 -4.25 -19.39
N GLU A 262 -0.84 -3.84 -18.77
CA GLU A 262 -2.03 -3.44 -19.53
C GLU A 262 -1.80 -2.16 -20.34
N ILE A 263 -1.19 -1.13 -19.73
CA ILE A 263 -1.02 0.16 -20.33
C ILE A 263 0.35 0.66 -19.89
N VAL A 264 1.12 1.23 -20.82
CA VAL A 264 2.42 1.78 -20.49
C VAL A 264 2.52 3.22 -21.01
N LEU A 265 2.90 4.16 -20.13
CA LEU A 265 3.29 5.50 -20.58
C LEU A 265 4.80 5.55 -20.55
N GLU A 266 5.41 6.11 -21.63
CA GLU A 266 6.84 6.32 -21.69
C GLU A 266 7.10 7.82 -21.78
N GLY A 267 8.09 8.35 -21.06
CA GLY A 267 8.43 9.74 -21.25
C GLY A 267 9.51 10.16 -20.30
N THR A 268 9.36 11.38 -19.74
CA THR A 268 10.35 11.93 -18.86
C THR A 268 9.71 12.59 -17.64
N LEU A 269 10.42 12.53 -16.52
CA LEU A 269 10.11 13.29 -15.32
C LEU A 269 11.05 14.50 -15.31
N SER A 270 10.47 15.70 -15.30
CA SER A 270 11.29 16.90 -15.47
C SER A 270 12.15 17.14 -14.25
N ILE A 271 13.43 17.54 -14.46
CA ILE A 271 14.26 18.04 -13.38
C ILE A 271 14.12 19.55 -13.17
N SER A 272 13.32 20.22 -14.00
CA SER A 272 13.20 21.66 -13.91
C SER A 272 11.77 22.18 -13.73
N GLU A 273 10.78 21.51 -14.33
CA GLU A 273 9.42 22.04 -14.38
C GLU A 273 8.55 21.40 -13.32
N THR A 274 7.57 22.17 -12.86
CA THR A 274 6.51 21.69 -11.98
C THR A 274 5.18 22.10 -12.58
N GLY A 275 4.09 21.60 -11.99
CA GLY A 275 2.78 22.09 -12.35
C GLY A 275 1.80 21.84 -11.21
N PRO A 276 0.63 22.47 -11.30
CA PRO A 276 -0.40 22.31 -10.28
C PRO A 276 -0.78 20.84 -10.07
N GLU A 277 -0.86 20.45 -8.82
CA GLU A 277 -1.19 19.08 -8.45
C GLU A 277 -2.11 19.10 -7.22
N GLY A 278 -3.12 18.22 -7.24
CA GLY A 278 -4.02 18.13 -6.12
C GLY A 278 -5.03 19.26 -6.12
N PRO A 279 -5.95 19.30 -5.14
CA PRO A 279 -6.01 18.33 -4.08
C PRO A 279 -6.59 16.99 -4.53
N PHE A 280 -6.47 16.04 -3.60
CA PHE A 280 -6.91 14.67 -3.87
C PHE A 280 -7.50 14.08 -2.59
N GLY A 281 -8.57 13.31 -2.74
N GLY A 281 -8.55 13.30 -2.73
CA GLY A 281 -9.09 12.54 -1.64
CA GLY A 281 -9.11 12.60 -1.59
C GLY A 281 -8.12 11.44 -1.26
C GLY A 281 -8.23 11.43 -1.18
N GLU A 282 -7.60 11.50 -0.01
N GLU A 282 -7.55 11.55 -0.03
CA GLU A 282 -6.39 10.79 0.37
CA GLU A 282 -6.41 10.72 0.30
C GLU A 282 -6.68 9.71 1.40
C GLU A 282 -6.68 9.71 1.40
N MET A 283 -5.64 8.93 1.71
CA MET A 283 -5.73 7.71 2.51
C MET A 283 -6.32 7.93 3.92
N HIS A 284 -6.16 9.14 4.49
CA HIS A 284 -6.63 9.35 5.83
C HIS A 284 -8.12 9.70 5.84
N GLY A 285 -8.73 9.85 4.66
CA GLY A 285 -10.15 10.04 4.55
C GLY A 285 -10.59 11.47 4.31
N TYR A 286 -9.72 12.33 3.77
CA TYR A 286 -10.05 13.76 3.60
C TYR A 286 -9.64 14.29 2.23
N ILE A 287 -10.33 15.35 1.81
CA ILE A 287 -9.81 16.24 0.77
C ILE A 287 -10.02 17.66 1.28
N PHE A 288 -9.06 18.52 0.97
CA PHE A 288 -9.15 19.94 1.32
C PHE A 288 -9.37 20.67 0.01
N PRO A 289 -10.64 21.00 -0.35
N PRO A 289 -10.63 21.02 -0.36
CA PRO A 289 -10.92 21.68 -1.61
CA PRO A 289 -10.90 21.58 -1.68
C PRO A 289 -10.00 22.86 -1.85
C PRO A 289 -10.16 22.88 -1.91
N GLY A 290 -9.61 23.01 -3.12
CA GLY A 290 -8.81 24.18 -3.48
C GLY A 290 -7.36 24.12 -3.02
N ASP A 291 -6.94 23.11 -2.23
CA ASP A 291 -5.58 23.01 -1.74
C ASP A 291 -4.67 22.41 -2.81
N THR A 292 -4.38 23.20 -3.84
CA THR A 292 -3.44 22.84 -4.91
C THR A 292 -2.02 23.32 -4.58
N HIS A 293 -1.03 22.48 -4.89
CA HIS A 293 0.38 22.85 -4.78
C HIS A 293 1.13 22.39 -6.00
N LEU A 294 2.36 22.88 -6.17
CA LEU A 294 3.18 22.47 -7.30
C LEU A 294 3.72 21.08 -7.02
N GLY A 295 3.55 20.22 -8.04
CA GLY A 295 4.10 18.88 -7.96
C GLY A 295 5.05 18.58 -9.11
N CYS A 296 5.65 17.40 -9.08
N CYS A 296 5.63 17.36 -9.08
CA CYS A 296 6.51 16.98 -10.17
CA CYS A 296 6.40 16.82 -10.18
C CYS A 296 5.70 16.78 -11.45
C CYS A 296 5.61 16.90 -11.49
N LYS A 297 6.34 17.00 -12.60
CA LYS A 297 5.71 17.08 -13.88
C LYS A 297 6.34 16.05 -14.81
N TYR A 298 5.49 15.28 -15.45
CA TYR A 298 5.88 14.22 -16.37
C TYR A 298 5.42 14.56 -17.77
N LYS A 299 6.29 14.31 -18.74
CA LYS A 299 5.92 14.37 -20.13
C LYS A 299 5.78 12.96 -20.68
N VAL A 300 4.66 12.76 -21.37
CA VAL A 300 4.35 11.48 -21.99
C VAL A 300 4.63 11.58 -23.49
N ASN A 301 5.46 10.68 -23.98
CA ASN A 301 5.87 10.65 -25.39
C ASN A 301 5.20 9.51 -26.15
N ARG A 302 4.75 8.46 -25.48
CA ARG A 302 4.27 7.26 -26.13
C ARG A 302 3.36 6.51 -25.17
N ILE A 303 2.30 5.91 -25.70
CA ILE A 303 1.46 4.98 -24.94
C ILE A 303 1.50 3.67 -25.67
N THR A 304 1.78 2.55 -24.97
CA THR A 304 1.54 1.24 -25.52
C THR A 304 0.59 0.46 -24.62
N TYR A 305 -0.16 -0.47 -25.18
CA TYR A 305 -1.22 -1.09 -24.39
C TYR A 305 -1.70 -2.38 -24.99
N ARG A 306 -2.19 -3.24 -24.11
CA ARG A 306 -2.87 -4.47 -24.50
C ARG A 306 -4.19 -4.19 -25.20
N ASN A 307 -4.55 -5.09 -26.13
CA ASN A 307 -5.94 -5.17 -26.57
C ASN A 307 -6.87 -5.25 -25.34
N ASN A 308 -7.92 -4.46 -25.37
CA ASN A 308 -8.95 -4.46 -24.32
C ASN A 308 -8.32 -4.14 -22.96
N ALA A 309 -7.38 -3.18 -22.96
CA ALA A 309 -6.61 -2.79 -21.79
C ALA A 309 -7.53 -2.45 -20.62
N ILE A 310 -7.08 -2.84 -19.43
CA ILE A 310 -7.77 -2.59 -18.16
C ILE A 310 -6.88 -1.72 -17.27
N MET A 311 -7.42 -0.56 -16.86
CA MET A 311 -6.78 0.36 -15.90
C MET A 311 -7.24 0.01 -14.49
N PRO A 312 -6.35 -0.42 -13.57
CA PRO A 312 -6.75 -0.54 -12.17
C PRO A 312 -6.83 0.84 -11.52
N MET A 313 -7.78 0.97 -10.59
CA MET A 313 -8.04 2.24 -9.92
C MET A 313 -8.31 1.99 -8.44
N SER A 314 -7.71 2.83 -7.60
CA SER A 314 -8.00 2.92 -6.16
C SER A 314 -8.88 4.15 -5.90
N SER A 315 -10.12 3.96 -5.46
CA SER A 315 -11.01 5.03 -5.04
C SER A 315 -10.81 5.18 -3.54
N CYS A 316 -9.74 5.89 -3.19
CA CYS A 316 -9.21 5.86 -1.83
C CYS A 316 -9.86 6.92 -0.94
N GLY A 317 -9.81 6.64 0.35
CA GLY A 317 -10.38 7.53 1.34
C GLY A 317 -10.60 6.85 2.69
N ARG A 318 -11.83 6.97 3.19
CA ARG A 318 -12.17 6.25 4.40
C ARG A 318 -12.16 4.72 4.19
N LEU A 319 -12.11 3.98 5.30
CA LEU A 319 -11.85 2.55 5.30
C LEU A 319 -12.83 1.83 4.37
N THR A 320 -12.41 0.76 3.70
CA THR A 320 -11.06 0.20 3.63
C THR A 320 -10.67 0.05 2.16
N ASP A 321 -9.47 0.52 1.82
CA ASP A 321 -8.99 0.41 0.44
C ASP A 321 -7.50 0.09 0.42
N GLU A 322 -6.94 0.15 -0.78
CA GLU A 322 -5.54 -0.20 -1.01
C GLU A 322 -4.60 0.63 -0.16
N THR A 323 -4.96 1.89 0.09
CA THR A 323 -4.10 2.76 0.88
C THR A 323 -3.99 2.27 2.30
N HIS A 324 -4.95 1.48 2.79
CA HIS A 324 -4.88 0.97 4.15
C HIS A 324 -4.28 -0.43 4.11
N THR A 325 -4.81 -1.27 3.24
CA THR A 325 -4.42 -2.67 3.25
C THR A 325 -2.96 -2.83 2.81
N MET A 326 -2.50 -1.99 1.87
CA MET A 326 -1.16 -2.09 1.31
C MET A 326 -0.18 -1.09 1.94
N ILE A 327 -0.49 0.21 1.99
CA ILE A 327 0.48 1.16 2.56
C ILE A 327 0.75 0.77 4.00
N GLY A 328 -0.32 0.64 4.80
CA GLY A 328 -0.16 0.35 6.21
C GLY A 328 0.50 -0.98 6.52
N SER A 329 -0.04 -2.05 5.92
CA SER A 329 0.42 -3.38 6.26
C SER A 329 1.86 -3.58 5.81
N LEU A 330 2.20 -3.07 4.61
CA LEU A 330 3.53 -3.32 4.07
C LEU A 330 4.56 -2.45 4.81
N ALA A 331 4.20 -1.23 5.23
CA ALA A 331 5.10 -0.46 6.10
C ALA A 331 5.31 -1.21 7.40
N ALA A 332 4.23 -1.75 7.99
CA ALA A 332 4.33 -2.51 9.22
C ALA A 332 5.28 -3.70 9.07
N ALA A 333 5.16 -4.42 7.94
CA ALA A 333 6.06 -5.53 7.66
C ALA A 333 7.52 -5.09 7.69
N GLU A 334 7.84 -4.04 6.93
CA GLU A 334 9.21 -3.53 6.89
C GLU A 334 9.68 -3.11 8.28
N ILE A 335 8.82 -2.43 9.04
CA ILE A 335 9.14 -2.02 10.39
C ILE A 335 9.46 -3.23 11.29
N ARG A 336 8.69 -4.31 11.17
CA ARG A 336 8.95 -5.51 11.94
C ARG A 336 10.39 -5.97 11.69
N LYS A 337 10.71 -6.12 10.41
CA LYS A 337 12.06 -6.55 10.06
C LYS A 337 13.16 -5.58 10.56
N LEU A 338 12.93 -4.28 10.35
CA LEU A 338 13.87 -3.26 10.76
C LEU A 338 14.14 -3.38 12.26
N CYS A 339 13.07 -3.57 13.05
CA CYS A 339 13.27 -3.73 14.47
C CYS A 339 14.12 -4.95 14.81
N GLN A 340 13.81 -6.07 14.18
CA GLN A 340 14.57 -7.31 14.42
C GLN A 340 16.05 -7.17 14.02
N GLN A 341 16.31 -6.49 12.93
CA GLN A 341 17.67 -6.28 12.47
C GLN A 341 18.44 -5.34 13.41
N ASN A 342 17.73 -4.56 14.23
CA ASN A 342 18.33 -3.70 15.23
C ASN A 342 18.31 -4.37 16.62
N ASP A 343 18.13 -5.68 16.66
CA ASP A 343 18.18 -6.46 17.87
C ASP A 343 17.07 -6.10 18.86
N LEU A 344 15.92 -5.63 18.36
CA LEU A 344 14.77 -5.40 19.20
C LEU A 344 13.88 -6.62 19.16
N PRO A 345 13.30 -7.05 20.30
CA PRO A 345 12.52 -8.28 20.41
C PRO A 345 11.08 -8.14 19.92
N ILE A 346 10.94 -7.79 18.65
CA ILE A 346 9.63 -7.59 18.06
C ILE A 346 9.31 -8.83 17.22
N THR A 347 8.15 -9.43 17.47
CA THR A 347 7.72 -10.63 16.75
C THR A 347 6.82 -10.30 15.57
N ASP A 348 6.02 -9.25 15.69
CA ASP A 348 4.96 -8.97 14.74
C ASP A 348 4.67 -7.48 14.76
N ALA A 349 4.20 -6.97 13.61
CA ALA A 349 3.80 -5.60 13.46
C ALA A 349 2.61 -5.51 12.52
N PHE A 350 1.68 -4.61 12.86
CA PHE A 350 0.56 -4.35 11.99
C PHE A 350 0.07 -2.92 12.20
N ALA A 351 -0.42 -2.28 11.14
CA ALA A 351 -1.01 -0.94 11.26
C ALA A 351 -2.54 -1.06 11.42
N PRO A 352 -3.09 -0.86 12.63
CA PRO A 352 -4.52 -1.05 12.78
C PRO A 352 -5.33 -0.19 11.85
N PHE A 353 -6.33 -0.81 11.22
CA PHE A 353 -7.19 -0.03 10.35
C PHE A 353 -7.89 1.07 11.16
N GLU A 354 -8.26 0.76 12.38
CA GLU A 354 -9.00 1.68 13.24
C GLU A 354 -8.23 2.98 13.47
N SER A 355 -6.88 2.94 13.38
CA SER A 355 -6.01 4.10 13.49
C SER A 355 -5.84 4.84 12.16
N GLN A 356 -6.60 4.42 11.11
CA GLN A 356 -6.44 4.96 9.78
C GLN A 356 -5.00 4.74 9.29
N VAL A 357 -4.47 3.58 9.72
CA VAL A 357 -3.11 3.10 9.48
C VAL A 357 -2.03 4.11 9.83
N THR A 358 -2.30 4.98 10.81
CA THR A 358 -1.29 5.92 11.30
C THR A 358 -0.55 5.35 12.51
N TRP A 359 -1.06 4.29 13.12
CA TRP A 359 -0.39 3.58 14.19
C TRP A 359 0.23 2.32 13.64
N VAL A 360 1.29 1.83 14.29
CA VAL A 360 1.74 0.45 14.17
C VAL A 360 1.87 -0.14 15.56
N ALA A 361 1.23 -1.30 15.73
CA ALA A 361 1.34 -2.07 16.94
C ALA A 361 2.47 -3.09 16.78
N LEU A 362 3.37 -3.08 17.77
CA LEU A 362 4.56 -3.94 17.79
C LEU A 362 4.40 -4.94 18.92
N ARG A 363 4.32 -6.22 18.57
CA ARG A 363 4.22 -7.30 19.53
C ARG A 363 5.63 -7.66 19.98
N VAL A 364 5.83 -7.65 21.30
CA VAL A 364 7.13 -7.84 21.92
C VAL A 364 7.23 -9.25 22.50
N ASP A 365 8.38 -9.90 22.25
CA ASP A 365 8.75 -11.13 22.93
C ASP A 365 9.24 -10.75 24.33
N THR A 366 8.36 -10.93 25.34
CA THR A 366 8.64 -10.35 26.62
C THR A 366 9.66 -11.22 27.40
N GLU A 367 9.86 -12.47 27.00
CA GLU A 367 10.95 -13.25 27.60
C GLU A 367 12.28 -12.59 27.25
N LYS A 368 12.42 -12.24 25.97
CA LYS A 368 13.60 -11.52 25.52
C LYS A 368 13.69 -10.14 26.16
N LEU A 369 12.56 -9.46 26.29
CA LEU A 369 12.59 -8.16 26.95
C LEU A 369 13.12 -8.28 28.37
N ARG A 370 12.61 -9.25 29.12
CA ARG A 370 13.04 -9.40 30.50
C ARG A 370 14.55 -9.56 30.58
N ALA A 371 15.13 -10.24 29.59
CA ALA A 371 16.57 -10.54 29.64
C ALA A 371 17.37 -9.27 29.37
N MET A 372 16.75 -8.25 28.78
CA MET A 372 17.41 -6.98 28.49
C MET A 372 17.55 -6.12 29.74
N LYS A 373 16.76 -6.41 30.78
CA LYS A 373 16.87 -5.71 32.05
C LYS A 373 16.84 -4.20 31.85
N THR A 374 15.76 -3.73 31.20
CA THR A 374 15.60 -2.36 30.83
C THR A 374 14.30 -1.81 31.42
N THR A 375 13.98 -0.59 30.99
CA THR A 375 12.82 0.13 31.49
C THR A 375 12.01 0.64 30.32
N SER A 376 10.77 1.03 30.66
CA SER A 376 9.91 1.60 29.62
C SER A 376 10.49 2.82 28.94
N GLU A 377 11.02 3.79 29.69
N GLU A 377 11.03 3.80 29.66
CA GLU A 377 11.55 5.02 29.12
CA GLU A 377 11.48 4.99 28.96
C GLU A 377 12.71 4.74 28.15
C GLU A 377 12.67 4.63 28.04
N GLY A 378 13.58 3.80 28.53
CA GLY A 378 14.72 3.42 27.70
C GLY A 378 14.30 2.67 26.45
N PHE A 379 13.42 1.69 26.63
CA PHE A 379 12.98 0.86 25.53
C PHE A 379 12.15 1.67 24.52
N ARG A 380 11.22 2.49 25.01
CA ARG A 380 10.45 3.39 24.15
C ARG A 380 11.31 4.25 23.28
N LYS A 381 12.35 4.86 23.88
CA LYS A 381 13.26 5.71 23.15
C LYS A 381 14.01 4.90 22.08
N ARG A 382 14.50 3.73 22.47
CA ARG A 382 15.27 2.91 21.54
C ARG A 382 14.43 2.53 20.31
N VAL A 383 13.19 2.08 20.56
CA VAL A 383 12.32 1.65 19.49
C VAL A 383 12.01 2.85 18.59
N GLY A 384 11.62 3.99 19.19
CA GLY A 384 11.25 5.11 18.37
C GLY A 384 12.44 5.65 17.57
N ASP A 385 13.64 5.63 18.14
CA ASP A 385 14.78 6.12 17.38
C ASP A 385 14.99 5.23 16.15
N VAL A 386 14.91 3.91 16.33
CA VAL A 386 15.09 3.00 15.21
C VAL A 386 14.06 3.29 14.12
N VAL A 387 12.78 3.35 14.50
CA VAL A 387 11.74 3.38 13.49
C VAL A 387 11.50 4.75 12.92
N PHE A 388 11.46 5.79 13.77
CA PHE A 388 11.07 7.08 13.28
C PHE A 388 12.25 7.80 12.57
N ASN A 389 13.47 7.30 12.69
CA ASN A 389 14.59 7.86 11.91
C ASN A 389 14.77 7.12 10.61
N HIS A 390 13.89 6.17 10.29
CA HIS A 390 14.04 5.39 9.06
C HIS A 390 12.85 5.65 8.14
N LYS A 391 13.10 5.53 6.83
CA LYS A 391 12.05 5.68 5.81
C LYS A 391 10.86 4.75 6.05
N ALA A 392 11.08 3.54 6.57
CA ALA A 392 10.00 2.58 6.76
C ALA A 392 9.00 3.18 7.76
N GLY A 393 9.45 4.01 8.69
CA GLY A 393 8.56 4.66 9.66
C GLY A 393 7.86 5.92 9.22
N TYR A 394 8.10 6.37 7.99
CA TYR A 394 7.61 7.65 7.50
C TYR A 394 6.13 7.92 7.77
N THR A 395 5.26 6.99 7.35
CA THR A 395 3.83 7.22 7.37
C THR A 395 3.24 7.02 8.78
N ILE A 396 4.01 6.50 9.72
CA ILE A 396 3.52 6.02 11.01
C ILE A 396 3.84 7.04 12.09
N HIS A 397 2.79 7.55 12.74
CA HIS A 397 2.95 8.58 13.78
C HIS A 397 2.87 8.04 15.20
N ARG A 398 2.30 6.85 15.45
CA ARG A 398 2.24 6.29 16.80
C ARG A 398 2.63 4.82 16.75
N LEU A 399 3.58 4.41 17.56
CA LEU A 399 3.93 3.03 17.79
C LEU A 399 3.37 2.58 19.11
N VAL A 400 2.66 1.46 19.15
CA VAL A 400 2.11 0.93 20.36
C VAL A 400 2.82 -0.35 20.67
N LEU A 401 3.54 -0.41 21.80
CA LEU A 401 4.22 -1.62 22.21
C LEU A 401 3.29 -2.48 23.04
N VAL A 402 3.16 -3.76 22.67
CA VAL A 402 2.26 -4.65 23.39
C VAL A 402 2.97 -5.98 23.68
N GLY A 403 2.58 -6.66 24.77
CA GLY A 403 3.17 -7.95 25.08
C GLY A 403 2.57 -9.11 24.28
N ASP A 404 3.02 -10.34 24.67
CA ASP A 404 2.80 -11.53 23.87
C ASP A 404 1.35 -11.96 23.82
N ASP A 405 0.51 -11.47 24.73
CA ASP A 405 -0.86 -11.92 24.72
C ASP A 405 -1.72 -11.24 23.65
N ILE A 406 -1.24 -10.17 23.07
CA ILE A 406 -2.00 -9.40 22.10
C ILE A 406 -1.69 -9.85 20.67
N ASP A 407 -2.76 -10.08 19.91
CA ASP A 407 -2.67 -10.30 18.48
C ASP A 407 -2.78 -8.96 17.78
N VAL A 408 -1.63 -8.46 17.30
CA VAL A 408 -1.59 -7.14 16.69
C VAL A 408 -2.39 -7.06 15.40
N TYR A 409 -2.78 -8.19 14.81
CA TYR A 409 -3.57 -8.17 13.58
C TYR A 409 -5.05 -8.00 13.90
N GLU A 410 -5.38 -7.95 15.21
CA GLU A 410 -6.77 -7.75 15.66
C GLU A 410 -6.89 -6.37 16.31
N GLY A 411 -7.46 -5.43 15.58
CA GLY A 411 -7.58 -4.05 16.05
C GLY A 411 -8.27 -3.91 17.40
N LYS A 412 -9.32 -4.71 17.64
N LYS A 412 -9.30 -4.72 17.69
CA LYS A 412 -10.00 -4.64 18.92
CA LYS A 412 -9.99 -4.57 18.97
C LYS A 412 -9.03 -4.83 20.07
C LYS A 412 -9.08 -4.91 20.15
N ASP A 413 -8.13 -5.83 19.93
CA ASP A 413 -7.22 -6.22 20.99
C ASP A 413 -6.13 -5.16 21.16
N VAL A 414 -5.66 -4.57 20.05
CA VAL A 414 -4.73 -3.46 20.12
C VAL A 414 -5.37 -2.29 20.86
N LEU A 415 -6.63 -1.97 20.54
N LEU A 415 -6.62 -1.95 20.54
CA LEU A 415 -7.28 -0.84 21.17
CA LEU A 415 -7.24 -0.80 21.20
C LEU A 415 -7.45 -1.09 22.66
C LEU A 415 -7.44 -1.09 22.69
N TRP A 416 -7.81 -2.32 23.03
CA TRP A 416 -7.94 -2.73 24.41
C TRP A 416 -6.62 -2.51 25.15
N ALA A 417 -5.51 -3.08 24.63
CA ALA A 417 -4.22 -2.93 25.28
C ALA A 417 -3.79 -1.47 25.41
N PHE A 418 -3.92 -0.71 24.33
CA PHE A 418 -3.54 0.70 24.31
C PHE A 418 -4.29 1.46 25.40
N SER A 419 -5.61 1.25 25.44
N SER A 419 -5.62 1.28 25.45
CA SER A 419 -6.51 1.99 26.31
CA SER A 419 -6.45 2.09 26.32
C SER A 419 -6.33 1.64 27.78
C SER A 419 -6.38 1.63 27.78
N THR A 420 -5.84 0.44 28.09
CA THR A 420 -5.83 -0.06 29.46
C THR A 420 -4.42 -0.20 30.06
N ARG A 421 -3.37 -0.22 29.22
CA ARG A 421 -2.02 -0.54 29.70
C ARG A 421 -1.03 0.63 29.50
N CYS A 422 -1.40 1.63 28.69
CA CYS A 422 -0.55 2.78 28.43
C CYS A 422 -1.07 4.01 29.14
N ARG A 423 -0.39 4.43 30.20
CA ARG A 423 -0.78 5.67 30.92
C ARG A 423 -0.44 6.88 30.08
N PRO A 424 -1.40 7.71 29.65
CA PRO A 424 -1.11 8.88 28.84
C PRO A 424 -0.02 9.75 29.46
N GLY A 425 0.93 10.19 28.63
CA GLY A 425 2.03 11.04 29.09
C GLY A 425 3.17 10.19 29.62
N MET A 426 3.05 9.70 30.84
CA MET A 426 4.12 9.01 31.54
C MET A 426 4.65 7.78 30.80
N ASP A 427 3.76 7.01 30.15
CA ASP A 427 4.13 5.80 29.44
C ASP A 427 4.39 6.05 27.95
N GLU A 428 4.61 7.30 27.56
CA GLU A 428 4.79 7.68 26.18
C GLU A 428 6.03 8.55 26.03
N THR A 429 6.62 8.49 24.84
CA THR A 429 7.70 9.41 24.46
C THR A 429 7.37 10.07 23.14
N LEU A 430 7.33 11.40 23.14
CA LEU A 430 7.07 12.21 21.97
C LEU A 430 8.36 12.46 21.22
N PHE A 431 8.26 12.46 19.89
CA PHE A 431 9.38 12.68 19.01
C PHE A 431 9.07 13.84 18.08
N GLU A 432 9.68 15.02 18.35
CA GLU A 432 9.39 16.19 17.57
C GLU A 432 10.44 16.48 16.47
N ASP A 433 11.60 15.81 16.52
N ASP A 433 11.57 15.76 16.43
CA ASP A 433 12.70 16.07 15.60
CA ASP A 433 12.69 16.16 15.59
C ASP A 433 12.93 14.83 14.75
C ASP A 433 12.78 15.26 14.36
N VAL A 434 11.81 14.35 14.18
CA VAL A 434 11.81 13.34 13.14
C VAL A 434 10.96 13.84 11.98
N ARG A 435 11.12 13.22 10.81
CA ARG A 435 10.28 13.56 9.66
C ARG A 435 8.84 13.12 9.94
N GLY A 436 7.91 14.02 9.66
CA GLY A 436 6.49 13.76 9.77
C GLY A 436 5.86 13.50 8.41
N PHE A 437 4.68 12.91 8.41
CA PHE A 437 3.94 12.60 7.19
C PHE A 437 2.92 13.68 6.93
N PRO A 438 3.15 14.58 5.95
CA PRO A 438 2.28 15.76 5.84
C PRO A 438 0.85 15.48 5.45
N LEU A 439 0.60 14.33 4.82
N LEU A 439 0.60 14.32 4.86
CA LEU A 439 -0.74 14.02 4.33
CA LEU A 439 -0.73 14.01 4.33
C LEU A 439 -1.73 13.83 5.50
C LEU A 439 -1.72 13.79 5.47
N ILE A 440 -1.24 13.44 6.68
CA ILE A 440 -2.14 13.30 7.81
C ILE A 440 -2.68 14.69 8.12
N PRO A 441 -4.01 14.89 8.21
CA PRO A 441 -4.54 16.23 8.40
C PRO A 441 -3.93 17.04 9.52
N TYR A 442 -3.69 16.39 10.69
CA TYR A 442 -3.14 17.11 11.82
C TYR A 442 -1.68 17.54 11.61
N MET A 443 -1.06 17.09 10.50
CA MET A 443 0.27 17.52 10.11
C MET A 443 0.14 18.67 9.10
N GLY A 444 -0.20 18.36 7.84
CA GLY A 444 -0.18 19.35 6.78
C GLY A 444 -1.24 20.43 6.93
N HIS A 445 -2.36 20.14 7.62
CA HIS A 445 -3.41 21.13 7.85
C HIS A 445 -3.57 21.40 9.35
N GLY A 446 -2.53 21.11 10.15
CA GLY A 446 -2.61 21.19 11.60
C GLY A 446 -1.97 22.45 12.17
N ASN A 447 -1.70 22.35 13.46
CA ASN A 447 -1.24 23.45 14.28
C ASN A 447 0.28 23.59 14.30
N GLY A 448 1.02 22.60 13.80
CA GLY A 448 2.45 22.66 13.85
C GLY A 448 3.10 22.42 12.50
N PRO A 449 4.44 22.19 12.52
CA PRO A 449 5.18 22.00 11.27
C PRO A 449 4.63 20.81 10.48
N ALA A 450 4.38 21.00 9.19
CA ALA A 450 3.76 19.98 8.36
C ALA A 450 4.68 18.77 8.22
N HIS A 451 6.00 19.00 8.26
CA HIS A 451 6.96 17.99 7.85
C HIS A 451 7.81 17.46 9.00
N ARG A 452 7.53 17.87 10.24
CA ARG A 452 8.39 17.49 11.33
C ARG A 452 7.58 17.22 12.59
N GLY A 453 7.94 16.15 13.28
CA GLY A 453 7.42 15.83 14.60
C GLY A 453 6.01 15.27 14.57
N GLY A 454 5.35 15.36 15.70
CA GLY A 454 4.02 14.79 15.87
C GLY A 454 4.03 13.28 15.98
N LYS A 455 5.12 12.67 16.45
CA LYS A 455 5.24 11.22 16.58
C LYS A 455 5.39 10.81 18.03
N VAL A 456 4.97 9.58 18.37
CA VAL A 456 4.92 9.12 19.75
C VAL A 456 5.13 7.62 19.79
N VAL A 457 5.86 7.14 20.82
CA VAL A 457 5.88 5.75 21.19
C VAL A 457 5.03 5.61 22.45
N SER A 458 3.99 4.82 22.36
CA SER A 458 3.08 4.55 23.47
C SER A 458 3.35 3.14 23.99
N ASP A 459 3.80 3.03 25.25
CA ASP A 459 4.17 1.73 25.78
C ASP A 459 2.99 1.12 26.53
N ALA A 460 2.36 0.13 25.88
CA ALA A 460 1.31 -0.69 26.48
C ALA A 460 1.83 -2.01 27.06
N LEU A 461 3.13 -2.09 27.35
CA LEU A 461 3.66 -3.14 28.21
C LEU A 461 3.41 -2.73 29.65
N MET A 462 2.97 -3.70 30.43
CA MET A 462 2.78 -3.48 31.85
C MET A 462 4.09 -3.63 32.61
N PRO A 463 4.22 -3.03 33.82
CA PRO A 463 5.54 -3.02 34.45
C PRO A 463 6.21 -4.36 34.68
N THR A 464 5.45 -5.39 35.07
CA THR A 464 6.11 -6.65 35.34
C THR A 464 6.51 -7.39 34.06
N GLU A 465 6.11 -6.91 32.90
CA GLU A 465 6.53 -7.53 31.65
C GLU A 465 8.02 -7.26 31.42
N TYR A 466 8.58 -6.23 32.06
CA TYR A 466 10.00 -5.92 31.99
C TYR A 466 10.83 -6.69 33.03
N THR A 467 10.19 -7.27 34.04
CA THR A 467 10.87 -7.80 35.22
C THR A 467 10.66 -9.31 35.35
N THR A 468 9.49 -9.69 35.92
CA THR A 468 9.25 -11.06 36.34
C THR A 468 8.18 -11.78 35.53
N GLY A 469 7.40 -11.06 34.70
CA GLY A 469 6.40 -11.69 33.86
C GLY A 469 5.01 -11.10 34.09
N ARG A 470 4.14 -11.33 33.12
CA ARG A 470 2.74 -10.93 33.25
C ARG A 470 2.16 -11.36 34.59
N ASN A 471 1.40 -10.48 35.25
CA ASN A 471 0.89 -10.74 36.60
C ASN A 471 -0.63 -10.58 36.68
N TRP A 472 -1.28 -10.68 35.53
CA TRP A 472 -2.74 -10.70 35.45
C TRP A 472 -3.22 -11.87 34.63
N GLU A 473 -4.54 -12.13 34.72
CA GLU A 473 -5.30 -12.93 33.77
C GLU A 473 -6.42 -12.03 33.22
N ALA A 474 -6.78 -12.19 31.96
CA ALA A 474 -7.88 -11.39 31.44
C ALA A 474 -9.18 -11.85 32.12
N ALA A 475 -10.08 -10.87 32.27
CA ALA A 475 -11.46 -11.09 32.70
C ALA A 475 -12.28 -11.31 31.47
N ASP A 476 -12.01 -12.46 30.82
CA ASP A 476 -12.71 -12.85 29.62
C ASP A 476 -13.08 -14.33 29.74
N PHE A 477 -13.85 -14.80 28.77
CA PHE A 477 -14.27 -16.20 28.75
C PHE A 477 -13.05 -17.10 28.61
N ASN A 478 -12.09 -16.71 27.77
CA ASN A 478 -10.92 -17.54 27.53
C ASN A 478 -10.09 -17.77 28.78
N GLN A 479 -9.84 -16.72 29.55
CA GLN A 479 -8.82 -16.77 30.60
C GLN A 479 -9.38 -16.84 32.03
N SER A 480 -10.65 -16.53 32.24
N SER A 480 -10.65 -16.49 32.28
CA SER A 480 -11.17 -16.49 33.60
CA SER A 480 -11.15 -16.53 33.65
C SER A 480 -12.00 -17.74 33.95
C SER A 480 -11.87 -17.82 34.03
N TYR A 481 -11.90 -18.82 33.15
CA TYR A 481 -12.62 -20.04 33.43
C TYR A 481 -11.75 -21.23 33.01
N PRO A 482 -11.74 -22.34 33.75
CA PRO A 482 -10.91 -23.49 33.36
C PRO A 482 -11.40 -24.14 32.08
N GLU A 483 -10.48 -24.93 31.47
CA GLU A 483 -10.72 -25.48 30.17
C GLU A 483 -11.94 -26.37 30.12
N ASP A 484 -12.13 -27.20 31.12
N ASP A 484 -12.11 -27.22 31.12
CA ASP A 484 -13.21 -28.19 31.06
CA ASP A 484 -13.19 -28.19 31.08
C ASP A 484 -14.56 -27.49 31.13
C ASP A 484 -14.53 -27.46 31.07
N LEU A 485 -14.61 -26.41 31.91
CA LEU A 485 -15.84 -25.64 32.02
C LEU A 485 -16.14 -24.92 30.72
N LYS A 486 -15.12 -24.27 30.16
CA LYS A 486 -15.33 -23.60 28.90
C LYS A 486 -15.89 -24.55 27.83
N GLN A 487 -15.27 -25.73 27.75
CA GLN A 487 -15.73 -26.69 26.75
C GLN A 487 -17.17 -27.16 27.02
N LYS A 488 -17.51 -27.37 28.28
CA LYS A 488 -18.87 -27.74 28.66
C LYS A 488 -19.87 -26.68 28.21
N VAL A 489 -19.55 -25.42 28.49
CA VAL A 489 -20.40 -24.31 28.07
C VAL A 489 -20.58 -24.28 26.56
N LEU A 490 -19.48 -24.44 25.81
CA LEU A 490 -19.57 -24.42 24.36
C LEU A 490 -20.38 -25.62 23.85
N ASP A 491 -20.19 -26.78 24.48
CA ASP A 491 -20.85 -28.01 24.03
C ASP A 491 -22.35 -27.92 24.28
N ASN A 492 -22.77 -27.21 25.35
CA ASN A 492 -24.16 -27.14 25.75
C ASN A 492 -24.86 -25.87 25.24
N TRP A 493 -24.13 -25.01 24.54
CA TRP A 493 -24.57 -23.68 24.16
C TRP A 493 -25.92 -23.71 23.43
N THR A 494 -26.05 -24.44 22.31
CA THR A 494 -27.27 -24.37 21.54
C THR A 494 -28.35 -25.18 22.24
N LYS A 495 -28.00 -26.23 22.99
CA LYS A 495 -28.91 -27.05 23.77
C LYS A 495 -29.65 -26.15 24.77
N MET A 496 -28.88 -25.33 25.49
CA MET A 496 -29.44 -24.43 26.49
C MET A 496 -30.36 -23.39 25.85
N GLY A 497 -30.19 -23.01 24.57
CA GLY A 497 -31.00 -22.03 23.84
C GLY A 497 -30.33 -20.79 23.24
N PHE A 498 -28.99 -20.73 23.23
CA PHE A 498 -28.27 -19.58 22.69
C PHE A 498 -27.93 -19.79 21.22
N SER A 499 -27.31 -18.75 20.61
CA SER A 499 -27.09 -18.70 19.16
C SER A 499 -25.64 -19.05 18.81
N ASN A 500 -25.44 -19.70 17.65
CA ASN A 500 -24.13 -20.00 17.11
C ASN A 500 -23.49 -18.69 16.64
N HIS A 503 -21.09 -19.53 11.39
CA HIS A 503 -20.30 -20.50 10.58
C HIS A 503 -19.10 -19.76 9.99
N HIS A 504 -17.93 -20.43 9.99
CA HIS A 504 -16.64 -19.80 9.75
C HIS A 504 -16.49 -19.23 8.33
N HIS A 505 -17.02 -19.93 7.31
CA HIS A 505 -16.90 -19.49 5.91
C HIS A 505 -18.06 -18.61 5.42
N HIS A 506 -19.06 -18.32 6.29
CA HIS A 506 -20.24 -17.58 5.89
C9 4LU B . 0.47 3.47 -2.25
C8 4LU B . -0.70 2.91 -2.71
C7 4LU B . -1.69 3.71 -3.30
C10 4LU B . 2.16 6.77 -2.22
C6 4LU B . -1.51 5.11 -3.39
N3 4LU B . 2.85 9.27 -3.01
C2 4LU B . 3.77 8.52 -2.34
C13 4LU B . -1.91 6.40 -5.51
C5 4LU B . -2.46 6.10 -4.10
C1 4LU B . -1.15 7.94 -3.19
O2 4LU B . 4.89 8.93 -2.17
N1 4LU B . 3.38 7.29 -1.91
C4 4LU B . 1.56 8.88 -3.32
O4 4LU B . 0.86 9.69 -3.95
C4A 4LU B . 1.19 7.57 -2.84
N5 4LU B . -0.06 7.05 -3.09
C3 4LU B . -2.52 7.36 -3.23
C12 4LU B . -3.93 5.71 -4.23
C5A 4LU B . -0.29 5.65 -2.98
C7M 4LU B . -2.94 3.04 -3.81
C8M 4LU B . -0.93 1.42 -2.49
C9A 4LU B . 0.67 4.85 -2.38
N10 4LU B . 1.87 5.47 -1.87
C1' 4LU B . 2.76 4.75 -0.97
C2' 4LU B . 4.05 4.27 -1.63
O2' 4LU B . 3.72 3.41 -2.71
C3' 4LU B . 4.92 3.52 -0.62
O3' 4LU B . 5.33 4.47 0.38
C4' 4LU B . 6.15 2.87 -1.28
O4' 4LU B . 6.98 2.36 -0.23
C5' 4LU B . 6.91 3.78 -2.20
O5' 4LU B . 7.93 2.92 -2.86
P 4LU B . 9.49 3.25 -2.55
O2P 4LU B . 9.60 4.74 -2.65
O3P 4LU B . 10.18 2.46 -3.64
O1P 4LU B . 9.80 2.65 -1.21
MN MN C . 12.07 1.34 -3.64
K K D . 8.64 0.09 -3.50
K K E . 2.67 0.87 30.23
S SCN F . 16.43 -0.38 25.86
C SCN F . 17.45 -1.53 25.95
N SCN F . 18.23 -2.39 26.10
S SCN G . -6.10 -18.16 -8.69
C SCN G . -5.50 -18.19 -10.14
N SCN G . -5.12 -18.27 -11.19
S SCN H . 7.95 19.90 -18.58
C SCN H . 7.72 18.39 -18.23
N SCN H . 7.55 17.34 -17.93
S SCN I . -2.68 8.92 0.13
C SCN I . -2.78 10.02 -1.05
N SCN I . -2.79 10.73 -1.94
#